data_1F02
#
_entry.id   1F02
#
_cell.length_a   90.500
_cell.length_b   349.000
_cell.length_c   47.800
_cell.angle_alpha   90.00
_cell.angle_beta   90.00
_cell.angle_gamma   90.00
#
_symmetry.space_group_name_H-M   'C 2 2 21'
#
loop_
_entity.id
_entity.type
_entity.pdbx_description
1 polymer INTIMIN
2 polymer 'TRANSLOCATED INTIMIN RECEPTOR'
#
loop_
_entity_poly.entity_id
_entity_poly.type
_entity_poly.pdbx_seq_one_letter_code
_entity_poly.pdbx_strand_id
1 'polypeptide(L)'
;ASITEIKADKTTAVANGQDAITYTVKVMKGDKPVSNQEVTFTTTLGKLSNSTEKTDTNGYAKVTLTSTTPGKSLVSARVS
DVAVDVKAPEVEFFTTLTIDDGNIEIVGTGVKGKLPTVWLQYGQVNLKASGGNGKYTWRSANPAIASVDASSGQVTLKEK
GTTTISVISSDNQTATYTIATPNSLIVPNMSKRVTYNDAVNTCKNFGGKLPSSQNELENVFKAWGAANKYEYYKSSQTII
SWVQQTAQDAKSGVASTYDLVKQNPLNNIKASESNAYATCVK
;
I
2 'polypeptide(L)' MDQAANAAESATKDQLTQEAFKNPENQKVNIDANGNAIPSGELKDDIVEQIAQQAKEAGEVARQQA T
#
# COMPACT_ATOMS: atom_id res chain seq x y z
N ALA A 1 63.81 6.09 7.80
CA ALA A 1 63.14 5.07 8.66
C ALA A 1 62.03 5.73 9.48
N SER A 2 60.98 6.19 8.82
CA SER A 2 59.86 6.83 9.53
C SER A 2 58.59 7.03 8.70
N ILE A 3 57.44 6.55 9.23
CA ILE A 3 56.17 6.74 8.54
C ILE A 3 55.72 8.14 8.95
N THR A 4 55.38 8.96 7.95
CA THR A 4 54.97 10.33 8.22
C THR A 4 53.59 10.63 7.70
N GLU A 5 53.04 9.69 6.95
CA GLU A 5 51.71 9.82 6.38
C GLU A 5 50.92 8.52 6.37
N ILE A 6 49.70 8.56 6.89
CA ILE A 6 48.85 7.38 6.89
C ILE A 6 47.45 7.86 6.62
N LYS A 7 47.03 7.67 5.37
CA LYS A 7 45.74 8.11 4.88
C LYS A 7 44.84 6.96 4.43
N ALA A 8 43.53 7.20 4.45
CA ALA A 8 42.56 6.18 4.05
C ALA A 8 41.60 6.78 3.01
N ASP A 9 41.54 6.18 1.82
CA ASP A 9 40.69 6.72 0.75
C ASP A 9 39.24 6.95 1.12
N LYS A 10 38.75 6.26 2.15
CA LYS A 10 37.38 6.45 2.65
C LYS A 10 37.22 5.85 4.02
N THR A 11 36.11 6.13 4.69
CA THR A 11 35.90 5.61 6.04
C THR A 11 34.65 4.78 6.27
N THR A 12 34.01 4.41 5.17
CA THR A 12 32.82 3.61 5.25
C THR A 12 32.89 2.64 4.10
N ALA A 13 32.39 1.44 4.32
CA ALA A 13 32.42 0.43 3.27
C ALA A 13 31.43 -0.68 3.58
N VAL A 14 31.06 -1.40 2.54
CA VAL A 14 30.11 -2.50 2.71
C VAL A 14 30.81 -3.76 3.11
N ALA A 15 30.26 -4.42 4.12
CA ALA A 15 30.84 -5.65 4.64
C ALA A 15 30.52 -6.84 3.74
N ASN A 16 30.61 -6.64 2.43
CA ASN A 16 30.31 -7.68 1.46
C ASN A 16 31.56 -8.39 0.96
N GLY A 17 32.67 -8.25 1.68
CA GLY A 17 33.90 -8.89 1.24
C GLY A 17 34.49 -8.34 -0.06
N GLN A 18 33.82 -7.39 -0.72
CA GLN A 18 34.34 -6.82 -1.96
C GLN A 18 34.62 -5.31 -1.92
N ASP A 19 33.78 -4.54 -1.25
CA ASP A 19 33.96 -3.09 -1.13
C ASP A 19 35.23 -2.82 -0.33
N ALA A 20 36.27 -2.31 -1.00
CA ALA A 20 37.54 -2.09 -0.32
C ALA A 20 38.01 -0.67 0.05
N ILE A 21 38.68 -0.58 1.19
CA ILE A 21 39.24 0.66 1.69
C ILE A 21 40.73 0.58 1.45
N THR A 22 41.30 1.62 0.85
CA THR A 22 42.73 1.66 0.58
C THR A 22 43.54 2.51 1.55
N TYR A 23 44.56 1.92 2.15
CA TYR A 23 45.39 2.67 3.06
C TYR A 23 46.70 2.99 2.36
N THR A 24 47.12 4.25 2.49
CA THR A 24 48.35 4.69 1.88
C THR A 24 49.28 5.30 2.92
N VAL A 25 50.48 4.75 3.03
CA VAL A 25 51.45 5.28 4.00
C VAL A 25 52.63 5.81 3.21
N LYS A 26 53.34 6.77 3.80
CA LYS A 26 54.52 7.37 3.20
C LYS A 26 55.70 7.25 4.16
N VAL A 27 56.80 6.68 3.67
CA VAL A 27 57.98 6.48 4.50
C VAL A 27 59.09 7.42 4.09
N MET A 28 59.54 8.23 5.04
CA MET A 28 60.57 9.23 4.78
C MET A 28 61.77 9.15 5.70
N LYS A 29 62.83 9.81 5.25
CA LYS A 29 64.09 9.95 6.00
C LYS A 29 64.38 11.41 5.75
N GLY A 30 63.78 12.28 6.55
CA GLY A 30 63.98 13.70 6.36
C GLY A 30 63.18 14.10 5.14
N ASP A 31 63.79 14.81 4.19
CA ASP A 31 63.11 15.24 2.97
C ASP A 31 63.14 14.12 1.92
N LYS A 32 64.15 13.27 2.06
CA LYS A 32 64.37 12.15 1.16
C LYS A 32 63.35 11.01 1.38
N PRO A 33 62.54 10.68 0.35
CA PRO A 33 61.55 9.60 0.49
C PRO A 33 62.27 8.26 0.35
N VAL A 34 61.97 7.34 1.25
CA VAL A 34 62.59 6.03 1.23
C VAL A 34 61.85 5.05 0.33
N SER A 35 62.59 4.31 -0.49
CA SER A 35 61.96 3.33 -1.38
C SER A 35 62.33 1.89 -1.03
N ASN A 36 61.50 0.95 -1.46
CA ASN A 36 61.71 -0.46 -1.19
C ASN A 36 61.85 -0.75 0.29
N GLN A 37 61.35 0.19 1.10
CA GLN A 37 61.33 -0.02 2.54
C GLN A 37 60.11 -0.87 2.74
N GLU A 38 60.26 -1.96 3.47
CA GLU A 38 59.10 -2.79 3.69
C GLU A 38 58.30 -2.34 4.90
N VAL A 39 57.00 -2.27 4.71
CA VAL A 39 56.09 -1.85 5.76
C VAL A 39 55.16 -3.02 6.04
N THR A 40 54.85 -3.22 7.32
CA THR A 40 53.94 -4.29 7.72
C THR A 40 52.61 -3.70 8.21
N PHE A 41 51.52 -4.31 7.82
CA PHE A 41 50.20 -3.83 8.21
C PHE A 41 49.51 -4.85 9.07
N THR A 42 48.50 -4.41 9.79
CA THR A 42 47.72 -5.28 10.66
C THR A 42 46.39 -4.58 10.87
N THR A 43 45.32 -5.35 10.87
CA THR A 43 43.99 -4.82 11.10
C THR A 43 43.39 -5.59 12.26
N THR A 44 42.33 -5.07 12.83
CA THR A 44 41.67 -5.77 13.93
C THR A 44 40.34 -6.30 13.44
N LEU A 45 40.09 -6.15 12.14
CA LEU A 45 38.86 -6.58 11.53
C LEU A 45 38.99 -6.56 10.01
N GLY A 46 38.64 -7.68 9.37
CA GLY A 46 38.71 -7.77 7.91
C GLY A 46 39.97 -8.40 7.36
N LYS A 47 40.07 -8.47 6.04
CA LYS A 47 41.25 -9.03 5.37
C LYS A 47 42.07 -7.97 4.64
N LEU A 48 43.37 -8.01 4.89
CA LEU A 48 44.30 -7.12 4.27
C LEU A 48 44.73 -7.83 2.99
N SER A 49 44.98 -7.07 1.93
CA SER A 49 45.42 -7.67 0.68
C SER A 49 46.75 -8.40 0.94
N ASN A 50 47.62 -7.77 1.72
CA ASN A 50 48.93 -8.32 2.10
C ASN A 50 49.26 -7.79 3.48
N SER A 51 50.25 -8.37 4.15
CA SER A 51 50.58 -7.89 5.49
C SER A 51 51.91 -7.14 5.48
N THR A 52 52.57 -7.15 4.33
CA THR A 52 53.82 -6.42 4.16
C THR A 52 53.84 -5.88 2.74
N GLU A 53 54.46 -4.73 2.57
CA GLU A 53 54.55 -4.09 1.26
C GLU A 53 55.80 -3.26 1.22
N LYS A 54 56.31 -3.04 0.02
CA LYS A 54 57.49 -2.22 -0.12
C LYS A 54 57.10 -0.91 -0.79
N THR A 55 57.61 0.18 -0.25
CA THR A 55 57.32 1.50 -0.77
C THR A 55 57.87 1.67 -2.18
N ASP A 56 57.22 2.51 -2.97
CA ASP A 56 57.67 2.82 -4.34
C ASP A 56 58.81 3.83 -4.21
N THR A 57 59.27 4.39 -5.33
CA THR A 57 60.38 5.35 -5.27
C THR A 57 60.02 6.68 -4.62
N ASN A 58 58.75 6.91 -4.38
CA ASN A 58 58.31 8.14 -3.77
C ASN A 58 58.01 7.95 -2.29
N GLY A 59 58.25 6.73 -1.82
CA GLY A 59 58.02 6.41 -0.42
C GLY A 59 56.58 6.08 -0.06
N TYR A 60 55.81 5.60 -1.03
CA TYR A 60 54.44 5.24 -0.77
C TYR A 60 54.26 3.73 -0.77
N ALA A 61 53.25 3.29 -0.03
CA ALA A 61 52.91 1.87 0.07
C ALA A 61 51.44 1.82 0.35
N LYS A 62 50.68 1.29 -0.60
CA LYS A 62 49.24 1.16 -0.45
C LYS A 62 48.93 -0.27 -0.05
N VAL A 63 47.73 -0.47 0.45
CA VAL A 63 47.29 -1.78 0.88
C VAL A 63 45.77 -1.69 0.92
N THR A 64 45.10 -2.82 0.85
CA THR A 64 43.66 -2.73 0.88
C THR A 64 43.02 -3.55 1.97
N LEU A 65 41.77 -3.23 2.25
CA LEU A 65 41.05 -3.91 3.29
C LEU A 65 39.60 -4.12 2.86
N THR A 66 39.04 -5.23 3.32
CA THR A 66 37.64 -5.58 3.05
C THR A 66 37.22 -6.37 4.27
N SER A 67 35.92 -6.57 4.44
CA SER A 67 35.43 -7.33 5.58
C SER A 67 34.10 -7.98 5.24
N THR A 68 33.85 -9.15 5.81
CA THR A 68 32.57 -9.79 5.51
C THR A 68 31.61 -9.54 6.64
N THR A 69 32.12 -9.06 7.77
CA THR A 69 31.25 -8.71 8.89
C THR A 69 31.39 -7.19 9.14
N PRO A 70 30.32 -6.55 9.64
CA PRO A 70 30.32 -5.11 9.93
C PRO A 70 31.15 -4.84 11.17
N GLY A 71 31.33 -3.57 11.51
CA GLY A 71 32.11 -3.25 12.68
C GLY A 71 33.16 -2.19 12.40
N LYS A 72 34.03 -1.95 13.38
CA LYS A 72 35.07 -0.94 13.25
C LYS A 72 36.41 -1.62 13.02
N SER A 73 37.02 -1.36 11.88
CA SER A 73 38.31 -1.95 11.57
C SER A 73 39.38 -0.92 11.91
N LEU A 74 40.30 -1.29 12.79
CA LEU A 74 41.35 -0.37 13.19
C LEU A 74 42.71 -0.79 12.64
N VAL A 75 43.07 -0.28 11.47
CA VAL A 75 44.33 -0.68 10.85
C VAL A 75 45.55 0.02 11.42
N SER A 76 46.70 -0.62 11.29
CA SER A 76 47.96 -0.07 11.78
C SER A 76 49.16 -0.56 10.98
N ALA A 77 49.94 0.39 10.46
CA ALA A 77 51.13 0.07 9.68
C ALA A 77 52.38 0.26 10.54
N ARG A 78 53.49 -0.36 10.13
CA ARG A 78 54.76 -0.27 10.88
C ARG A 78 55.96 -0.52 9.94
N VAL A 79 57.05 0.23 10.14
CA VAL A 79 58.24 0.01 9.30
C VAL A 79 58.89 -1.24 9.83
N SER A 80 58.97 -2.27 8.99
CA SER A 80 59.53 -3.56 9.37
C SER A 80 60.62 -3.53 10.44
N ASP A 81 61.79 -2.99 10.08
CA ASP A 81 62.94 -2.93 10.98
C ASP A 81 62.81 -2.07 12.25
N VAL A 82 61.65 -1.48 12.47
CA VAL A 82 61.46 -0.65 13.67
C VAL A 82 60.36 -1.19 14.61
N ALA A 83 60.49 -0.80 15.88
CA ALA A 83 59.57 -1.23 16.93
C ALA A 83 58.18 -0.62 16.98
N VAL A 84 58.10 0.70 17.12
CA VAL A 84 56.80 1.37 17.21
C VAL A 84 56.04 1.56 15.90
N ASP A 85 54.74 1.33 15.94
CA ASP A 85 53.89 1.46 14.75
C ASP A 85 53.08 2.76 14.73
N VAL A 86 52.23 2.89 13.72
CA VAL A 86 51.40 4.06 13.55
C VAL A 86 49.98 3.58 13.25
N LYS A 87 49.02 4.11 13.98
CA LYS A 87 47.62 3.74 13.80
C LYS A 87 46.96 4.59 12.72
N ALA A 88 46.24 3.93 11.82
CA ALA A 88 45.55 4.65 10.75
C ALA A 88 44.23 5.12 11.30
N PRO A 89 43.56 6.04 10.59
CA PRO A 89 42.28 6.48 11.15
C PRO A 89 41.27 5.35 11.19
N GLU A 90 40.42 5.36 12.20
CA GLU A 90 39.40 4.34 12.36
C GLU A 90 38.50 4.29 11.14
N VAL A 91 38.05 3.10 10.74
CA VAL A 91 37.12 3.01 9.60
C VAL A 91 35.99 2.12 10.03
N GLU A 92 34.89 2.17 9.30
CA GLU A 92 33.70 1.36 9.62
C GLU A 92 33.08 0.59 8.46
N PHE A 93 32.71 -0.66 8.74
CA PHE A 93 32.06 -1.51 7.76
C PHE A 93 30.58 -1.74 8.14
N PHE A 94 29.72 -1.63 7.15
CA PHE A 94 28.27 -1.83 7.33
C PHE A 94 27.75 -2.83 6.30
N THR A 95 26.79 -3.65 6.71
CA THR A 95 26.20 -4.67 5.84
C THR A 95 25.42 -4.03 4.71
N THR A 96 25.32 -4.73 3.59
CA THR A 96 24.59 -4.21 2.44
C THR A 96 23.19 -3.73 2.86
N LEU A 97 22.84 -2.51 2.47
CA LEU A 97 21.54 -1.93 2.81
C LEU A 97 20.47 -2.38 1.83
N THR A 98 19.28 -2.68 2.35
CA THR A 98 18.17 -3.12 1.51
C THR A 98 16.79 -2.76 2.05
N ILE A 99 15.82 -2.72 1.14
CA ILE A 99 14.44 -2.41 1.46
C ILE A 99 13.72 -3.74 1.33
N ASP A 100 13.27 -4.32 2.43
CA ASP A 100 12.62 -5.60 2.32
C ASP A 100 11.23 -5.57 1.67
N ASP A 101 11.16 -6.05 0.43
CA ASP A 101 9.92 -6.08 -0.32
C ASP A 101 8.98 -7.17 0.18
N GLY A 102 9.41 -7.91 1.18
CA GLY A 102 8.56 -8.98 1.69
C GLY A 102 7.85 -8.58 2.95
N ASN A 103 8.52 -7.75 3.75
CA ASN A 103 7.96 -7.30 5.01
C ASN A 103 7.25 -5.95 4.90
N ILE A 104 6.42 -5.79 3.87
CA ILE A 104 5.71 -4.54 3.75
C ILE A 104 4.45 -4.60 4.61
N GLU A 105 4.44 -3.84 5.69
CA GLU A 105 3.30 -3.84 6.59
C GLU A 105 2.15 -2.91 6.17
N ILE A 106 0.94 -3.46 6.27
CA ILE A 106 -0.26 -2.72 5.94
C ILE A 106 -0.79 -2.00 7.19
N VAL A 107 -0.57 -0.70 7.23
CA VAL A 107 -0.96 0.13 8.37
C VAL A 107 -2.25 -0.24 9.04
N GLY A 108 -3.32 -0.38 8.27
CA GLY A 108 -4.61 -0.72 8.85
C GLY A 108 -4.61 -2.01 9.66
N THR A 109 -4.39 -3.11 8.97
CA THR A 109 -4.36 -4.42 9.57
C THR A 109 -3.13 -4.56 10.46
N GLY A 110 -1.96 -4.57 9.85
CA GLY A 110 -0.73 -4.73 10.61
C GLY A 110 -0.01 -5.93 10.03
N VAL A 111 -0.64 -6.50 9.00
CA VAL A 111 -0.12 -7.66 8.30
C VAL A 111 1.05 -7.23 7.42
N LYS A 112 2.02 -8.13 7.23
CA LYS A 112 3.20 -7.84 6.42
C LYS A 112 3.35 -8.83 5.24
N GLY A 113 3.63 -8.32 4.06
CA GLY A 113 3.80 -9.19 2.89
C GLY A 113 4.06 -8.38 1.64
N LYS A 114 4.03 -9.01 0.47
CA LYS A 114 4.26 -8.24 -0.76
C LYS A 114 3.24 -7.08 -0.80
N LEU A 115 3.51 -6.05 -1.61
CA LEU A 115 2.58 -4.93 -1.69
C LEU A 115 1.33 -5.36 -2.44
N PRO A 116 0.15 -5.12 -1.85
CA PRO A 116 -1.11 -5.52 -2.51
C PRO A 116 -1.22 -5.03 -3.94
N THR A 117 -1.95 -5.80 -4.75
CA THR A 117 -2.17 -5.49 -6.16
C THR A 117 -3.48 -4.74 -6.34
N VAL A 118 -4.18 -4.56 -5.23
CA VAL A 118 -5.47 -3.88 -5.20
C VAL A 118 -5.35 -2.74 -4.22
N TRP A 119 -5.29 -1.52 -4.72
CA TRP A 119 -5.10 -0.39 -3.82
C TRP A 119 -6.34 0.40 -3.46
N LEU A 120 -6.54 0.59 -2.16
CA LEU A 120 -7.65 1.41 -1.68
C LEU A 120 -6.97 2.78 -1.68
N GLN A 121 -7.10 3.51 -2.79
CA GLN A 121 -6.45 4.80 -2.92
C GLN A 121 -6.37 5.54 -1.59
N TYR A 122 -5.19 6.06 -1.28
CA TYR A 122 -4.94 6.80 -0.05
C TYR A 122 -4.69 5.86 1.10
N GLY A 123 -4.42 4.60 0.76
CA GLY A 123 -4.11 3.58 1.75
C GLY A 123 -2.66 3.78 2.17
N GLN A 124 -2.21 3.06 3.19
CA GLN A 124 -0.85 3.27 3.65
C GLN A 124 -0.14 2.01 4.13
N VAL A 125 1.15 1.94 3.78
CA VAL A 125 1.98 0.81 4.17
C VAL A 125 3.28 1.32 4.70
N ASN A 126 3.99 0.45 5.42
CA ASN A 126 5.28 0.80 5.99
C ASN A 126 6.39 -0.04 5.37
N LEU A 127 7.29 0.62 4.65
CA LEU A 127 8.41 -0.05 4.01
C LEU A 127 9.48 -0.26 5.10
N LYS A 128 10.14 -1.41 5.08
CA LYS A 128 11.17 -1.70 6.08
C LYS A 128 12.59 -1.88 5.52
N ALA A 129 13.50 -1.00 5.95
CA ALA A 129 14.89 -1.06 5.49
C ALA A 129 15.72 -1.95 6.40
N SER A 130 16.70 -2.59 5.80
CA SER A 130 17.56 -3.51 6.51
C SER A 130 18.99 -3.19 6.15
N GLY A 131 19.86 -3.10 7.16
CA GLY A 131 21.27 -2.85 6.88
C GLY A 131 21.86 -1.48 7.16
N GLY A 132 22.84 -1.09 6.34
CA GLY A 132 23.47 0.20 6.51
C GLY A 132 23.84 0.47 7.96
N ASN A 133 23.69 1.71 8.39
CA ASN A 133 24.05 2.07 9.76
C ASN A 133 22.84 2.38 10.64
N GLY A 134 21.65 2.01 10.18
CA GLY A 134 20.48 2.25 11.00
C GLY A 134 19.65 3.45 10.63
N LYS A 135 20.29 4.59 10.43
CA LYS A 135 19.59 5.82 10.07
C LYS A 135 19.18 5.80 8.60
N TYR A 136 17.92 6.10 8.34
CA TYR A 136 17.38 6.10 6.98
C TYR A 136 16.54 7.34 6.64
N THR A 137 16.49 7.66 5.35
CA THR A 137 15.72 8.78 4.86
C THR A 137 15.21 8.23 3.54
N TRP A 138 13.91 8.35 3.29
CA TRP A 138 13.34 7.79 2.08
C TRP A 138 12.94 8.79 1.01
N ARG A 139 12.66 8.29 -0.19
CA ARG A 139 12.29 9.16 -1.28
C ARG A 139 11.51 8.42 -2.37
N SER A 140 10.54 9.10 -2.97
CA SER A 140 9.74 8.49 -4.05
C SER A 140 10.10 9.15 -5.38
N ALA A 141 10.20 8.36 -6.44
CA ALA A 141 10.55 8.90 -7.74
C ALA A 141 9.36 9.59 -8.42
N ASN A 142 8.24 9.65 -7.73
CA ASN A 142 7.05 10.28 -8.27
C ASN A 142 5.93 10.34 -7.23
N PRO A 143 5.99 11.33 -6.32
CA PRO A 143 5.03 11.56 -5.25
C PRO A 143 3.56 11.54 -5.69
N ALA A 144 3.34 11.63 -6.99
CA ALA A 144 1.98 11.60 -7.51
C ALA A 144 1.42 10.19 -7.39
N ILE A 145 2.13 9.20 -7.95
CA ILE A 145 1.65 7.81 -7.90
C ILE A 145 1.74 7.26 -6.48
N ALA A 146 2.84 7.56 -5.79
CA ALA A 146 3.04 7.09 -4.44
C ALA A 146 3.97 8.05 -3.71
N SER A 147 3.62 8.38 -2.49
CA SER A 147 4.45 9.28 -1.70
C SER A 147 4.99 8.52 -0.49
N VAL A 148 6.06 9.04 0.10
CA VAL A 148 6.62 8.39 1.26
C VAL A 148 7.12 9.39 2.29
N ASP A 149 6.93 9.07 3.57
CA ASP A 149 7.40 9.94 4.62
C ASP A 149 8.92 9.92 4.55
N ALA A 150 9.51 11.11 4.51
CA ALA A 150 10.96 11.24 4.44
C ALA A 150 11.67 10.36 5.46
N SER A 151 11.29 10.45 6.72
CA SER A 151 11.95 9.66 7.75
C SER A 151 11.06 8.72 8.55
N SER A 152 10.58 7.66 7.90
CA SER A 152 9.74 6.66 8.55
C SER A 152 9.42 5.64 7.48
N GLY A 153 9.62 6.04 6.22
CA GLY A 153 9.35 5.14 5.12
C GLY A 153 7.89 4.74 4.99
N GLN A 154 6.98 5.56 5.50
CA GLN A 154 5.57 5.23 5.36
C GLN A 154 5.11 5.72 4.01
N VAL A 155 4.57 4.80 3.24
CA VAL A 155 4.12 5.12 1.91
C VAL A 155 2.61 5.20 1.83
N THR A 156 2.12 6.13 1.02
CA THR A 156 0.67 6.23 0.83
C THR A 156 0.48 6.15 -0.69
N LEU A 157 -0.37 5.21 -1.11
CA LEU A 157 -0.64 5.00 -2.52
C LEU A 157 -1.63 6.04 -3.02
N LYS A 158 -1.35 6.62 -4.19
CA LYS A 158 -2.22 7.65 -4.76
C LYS A 158 -2.77 7.36 -6.17
N GLU A 159 -1.91 7.45 -7.19
CA GLU A 159 -2.36 7.21 -8.55
C GLU A 159 -1.99 5.85 -9.09
N LYS A 160 -2.90 5.24 -9.85
CA LYS A 160 -2.62 3.95 -10.45
C LYS A 160 -1.42 4.16 -11.39
N GLY A 161 -0.29 3.55 -11.05
CA GLY A 161 0.90 3.71 -11.86
C GLY A 161 2.11 3.04 -11.25
N THR A 162 3.25 3.16 -11.91
CA THR A 162 4.47 2.52 -11.41
C THR A 162 5.64 3.50 -11.18
N THR A 163 6.17 3.48 -9.95
CA THR A 163 7.30 4.31 -9.53
C THR A 163 8.17 3.49 -8.57
N THR A 164 9.37 3.99 -8.30
CA THR A 164 10.28 3.28 -7.41
C THR A 164 10.75 4.14 -6.24
N ILE A 165 10.58 3.62 -5.03
CA ILE A 165 11.00 4.33 -3.84
C ILE A 165 12.38 3.88 -3.43
N SER A 166 13.21 4.84 -3.00
CA SER A 166 14.57 4.54 -2.58
C SER A 166 14.83 4.98 -1.16
N VAL A 167 15.87 4.39 -0.57
CA VAL A 167 16.24 4.72 0.78
C VAL A 167 17.74 4.91 0.80
N ILE A 168 18.20 5.90 1.58
CA ILE A 168 19.63 6.12 1.70
C ILE A 168 20.00 6.09 3.18
N SER A 169 21.09 5.39 3.49
CA SER A 169 21.55 5.29 4.87
C SER A 169 22.67 6.28 5.11
N SER A 170 22.84 6.70 6.34
CA SER A 170 23.89 7.66 6.68
C SER A 170 25.28 7.22 6.29
N ASP A 171 25.55 5.92 6.27
CA ASP A 171 26.89 5.47 5.86
C ASP A 171 26.97 5.58 4.31
N ASN A 172 25.97 6.25 3.75
CA ASN A 172 25.88 6.51 2.33
C ASN A 172 25.67 5.38 1.35
N GLN A 173 24.79 4.45 1.71
CA GLN A 173 24.43 3.37 0.82
C GLN A 173 23.05 3.71 0.27
N THR A 174 22.61 2.95 -0.74
CA THR A 174 21.31 3.16 -1.35
C THR A 174 20.61 1.86 -1.74
N ALA A 175 19.29 1.83 -1.51
CA ALA A 175 18.50 0.66 -1.84
C ALA A 175 17.25 1.18 -2.50
N THR A 176 16.60 0.34 -3.32
CA THR A 176 15.38 0.76 -4.01
C THR A 176 14.35 -0.33 -4.15
N TYR A 177 13.09 0.03 -3.91
CA TYR A 177 11.94 -0.88 -4.04
C TYR A 177 11.05 -0.38 -5.17
N THR A 178 10.65 -1.27 -6.05
CA THR A 178 9.80 -0.85 -7.14
C THR A 178 8.35 -1.06 -6.79
N ILE A 179 7.53 -0.05 -7.06
CA ILE A 179 6.10 -0.16 -6.81
C ILE A 179 5.50 -0.37 -8.20
N ALA A 180 5.06 -1.60 -8.47
CA ALA A 180 4.48 -1.93 -9.75
C ALA A 180 3.07 -1.39 -9.86
N THR A 181 2.67 -0.96 -11.05
CA THR A 181 1.33 -0.47 -11.23
C THR A 181 0.31 -1.57 -10.84
N PRO A 182 -0.66 -1.22 -9.98
CA PRO A 182 -1.69 -2.14 -9.50
C PRO A 182 -2.69 -2.58 -10.54
N ASN A 183 -3.29 -3.75 -10.33
CA ASN A 183 -4.29 -4.28 -11.24
C ASN A 183 -5.50 -3.35 -11.24
N SER A 184 -5.88 -2.92 -10.04
CA SER A 184 -7.05 -2.07 -9.88
C SER A 184 -6.91 -1.12 -8.70
N LEU A 185 -7.30 0.13 -8.92
CA LEU A 185 -7.27 1.16 -7.89
C LEU A 185 -8.67 1.49 -7.38
N ILE A 186 -8.96 1.16 -6.11
CA ILE A 186 -10.27 1.44 -5.50
C ILE A 186 -10.40 2.89 -5.06
N VAL A 187 -11.41 3.60 -5.59
CA VAL A 187 -11.62 5.00 -5.24
C VAL A 187 -13.04 5.31 -4.80
N PRO A 188 -13.24 5.57 -3.50
CA PRO A 188 -14.58 5.88 -3.01
C PRO A 188 -14.89 7.37 -3.08
N ASN A 189 -15.74 7.77 -4.02
CA ASN A 189 -16.11 9.17 -4.15
C ASN A 189 -16.91 9.45 -2.88
N MET A 190 -16.30 10.16 -1.92
CA MET A 190 -16.92 10.45 -0.64
C MET A 190 -17.78 11.69 -0.54
N SER A 191 -17.91 12.41 -1.64
CA SER A 191 -18.72 13.64 -1.67
C SER A 191 -19.98 13.56 -0.79
N LYS A 192 -20.99 12.86 -1.29
CA LYS A 192 -22.28 12.75 -0.61
C LYS A 192 -22.97 11.43 -0.93
N ARG A 193 -23.99 11.08 -0.17
CA ARG A 193 -24.74 9.86 -0.43
C ARG A 193 -25.19 9.93 -1.89
N VAL A 194 -25.53 8.80 -2.49
CA VAL A 194 -25.97 8.82 -3.88
C VAL A 194 -26.79 7.59 -4.27
N THR A 195 -27.34 7.60 -5.48
CA THR A 195 -28.17 6.49 -5.95
C THR A 195 -27.47 5.62 -7.00
N TYR A 196 -27.91 4.37 -7.12
CA TYR A 196 -27.31 3.44 -8.06
C TYR A 196 -27.09 4.05 -9.43
N ASN A 197 -28.04 4.86 -9.88
CA ASN A 197 -27.89 5.49 -11.19
C ASN A 197 -26.79 6.53 -11.13
N ASP A 198 -26.94 7.52 -10.24
CA ASP A 198 -25.92 8.56 -10.13
C ASP A 198 -24.57 7.92 -9.86
N ALA A 199 -24.59 6.68 -9.39
CA ALA A 199 -23.38 5.93 -9.09
C ALA A 199 -22.66 5.51 -10.37
N VAL A 200 -23.32 4.71 -11.20
CA VAL A 200 -22.75 4.27 -12.47
C VAL A 200 -22.43 5.54 -13.24
N ASN A 201 -23.27 6.55 -13.00
CA ASN A 201 -23.13 7.87 -13.60
C ASN A 201 -21.80 8.46 -13.14
N THR A 202 -21.41 8.13 -11.91
CA THR A 202 -20.17 8.62 -11.33
C THR A 202 -18.92 7.92 -11.87
N CYS A 203 -18.92 6.59 -11.81
CA CYS A 203 -17.80 5.83 -12.30
C CYS A 203 -17.56 6.16 -13.75
N LYS A 204 -18.48 5.72 -14.61
CA LYS A 204 -18.36 5.97 -16.04
C LYS A 204 -17.83 7.38 -16.28
N ASN A 205 -18.44 8.35 -15.60
CA ASN A 205 -18.04 9.74 -15.74
C ASN A 205 -16.54 9.98 -15.66
N PHE A 206 -15.99 10.08 -14.45
CA PHE A 206 -14.56 10.32 -14.29
C PHE A 206 -13.77 9.18 -14.93
N GLY A 207 -14.45 8.09 -15.25
CA GLY A 207 -13.81 6.94 -15.86
C GLY A 207 -13.85 5.74 -14.94
N GLY A 208 -13.91 4.55 -15.52
CA GLY A 208 -13.93 3.35 -14.71
C GLY A 208 -15.33 2.82 -14.40
N LYS A 209 -15.40 1.52 -14.13
CA LYS A 209 -16.67 0.87 -13.82
C LYS A 209 -17.04 0.92 -12.34
N LEU A 210 -18.22 0.39 -12.04
CA LEU A 210 -18.72 0.31 -10.69
C LEU A 210 -18.16 -1.04 -10.26
N PRO A 211 -17.95 -1.24 -8.96
CA PRO A 211 -17.41 -2.54 -8.53
C PRO A 211 -18.31 -3.69 -8.92
N SER A 212 -17.70 -4.85 -9.18
CA SER A 212 -18.44 -6.05 -9.53
C SER A 212 -19.22 -6.50 -8.31
N SER A 213 -19.11 -7.78 -7.95
CA SER A 213 -19.82 -8.33 -6.80
C SER A 213 -19.37 -7.73 -5.47
N GLN A 214 -19.95 -8.25 -4.37
CA GLN A 214 -19.58 -7.77 -3.05
C GLN A 214 -18.17 -8.25 -2.79
N ASN A 215 -17.85 -9.43 -3.31
CA ASN A 215 -16.54 -10.03 -3.13
C ASN A 215 -15.45 -9.07 -3.55
N GLU A 216 -15.56 -8.51 -4.76
CA GLU A 216 -14.56 -7.57 -5.26
C GLU A 216 -14.27 -6.49 -4.24
N LEU A 217 -15.32 -6.05 -3.54
CA LEU A 217 -15.16 -5.02 -2.53
C LEU A 217 -14.71 -5.68 -1.23
N GLU A 218 -15.30 -6.82 -0.89
CA GLU A 218 -14.92 -7.55 0.32
C GLU A 218 -13.41 -7.72 0.36
N ASN A 219 -12.83 -8.08 -0.79
CA ASN A 219 -11.40 -8.28 -0.89
C ASN A 219 -10.62 -7.08 -0.42
N VAL A 220 -10.97 -5.90 -0.94
CA VAL A 220 -10.27 -4.69 -0.52
C VAL A 220 -10.12 -4.74 0.99
N PHE A 221 -11.24 -4.94 1.68
CA PHE A 221 -11.23 -5.00 3.14
C PHE A 221 -10.25 -6.03 3.68
N LYS A 222 -10.17 -7.17 3.00
CA LYS A 222 -9.23 -8.21 3.42
C LYS A 222 -7.94 -7.87 2.69
N ALA A 223 -7.32 -6.78 3.13
CA ALA A 223 -6.08 -6.29 2.55
C ALA A 223 -5.75 -4.99 3.25
N TRP A 224 -6.77 -4.18 3.50
CA TRP A 224 -6.56 -2.91 4.16
C TRP A 224 -7.41 -2.74 5.41
N GLY A 225 -8.47 -3.55 5.54
CA GLY A 225 -9.34 -3.43 6.71
C GLY A 225 -10.05 -2.09 6.70
N ALA A 226 -10.84 -1.81 7.74
CA ALA A 226 -11.57 -0.55 7.83
C ALA A 226 -10.76 0.62 7.24
N ALA A 227 -11.19 1.09 6.08
CA ALA A 227 -10.51 2.17 5.39
C ALA A 227 -10.35 3.46 6.19
N ASN A 228 -11.00 3.53 7.34
CA ASN A 228 -10.92 4.75 8.16
C ASN A 228 -9.65 4.80 9.00
N LYS A 229 -8.87 3.73 8.96
CA LYS A 229 -7.64 3.70 9.73
C LYS A 229 -6.61 4.57 9.03
N TYR A 230 -6.81 4.77 7.72
CA TYR A 230 -5.89 5.58 6.93
C TYR A 230 -6.29 7.05 6.96
N GLU A 231 -5.33 7.89 7.30
CA GLU A 231 -5.51 9.33 7.39
C GLU A 231 -6.70 9.87 6.61
N TYR A 232 -6.60 9.80 5.29
CA TYR A 232 -7.61 10.31 4.38
C TYR A 232 -9.06 9.90 4.68
N TYR A 233 -9.28 8.84 5.44
CA TYR A 233 -10.65 8.42 5.76
C TYR A 233 -10.84 8.34 7.27
N LYS A 234 -10.01 9.07 8.01
CA LYS A 234 -10.07 9.04 9.46
C LYS A 234 -11.33 9.60 10.11
N SER A 235 -12.34 9.93 9.31
CA SER A 235 -13.56 10.48 9.89
C SER A 235 -14.83 9.73 9.48
N SER A 236 -14.84 9.18 8.27
CA SER A 236 -16.01 8.48 7.79
C SER A 236 -16.27 7.14 8.46
N GLN A 237 -17.15 7.15 9.46
CA GLN A 237 -17.50 5.95 10.22
C GLN A 237 -18.18 4.92 9.35
N THR A 238 -18.59 5.31 8.15
CA THR A 238 -19.26 4.38 7.24
C THR A 238 -19.00 4.62 5.76
N ILE A 239 -18.74 3.54 5.04
CA ILE A 239 -18.49 3.63 3.62
C ILE A 239 -19.25 2.50 2.92
N ILE A 240 -20.57 2.51 3.12
CA ILE A 240 -21.45 1.53 2.50
C ILE A 240 -21.31 1.86 1.01
N SER A 241 -20.98 0.86 0.20
CA SER A 241 -20.78 1.10 -1.22
C SER A 241 -21.72 0.33 -2.16
N TRP A 242 -22.06 0.96 -3.29
CA TRP A 242 -22.93 0.35 -4.29
C TRP A 242 -22.19 -0.75 -5.00
N VAL A 243 -22.86 -1.86 -5.23
CA VAL A 243 -22.29 -3.00 -5.93
C VAL A 243 -23.08 -3.10 -7.24
N GLN A 244 -22.70 -4.02 -8.11
CA GLN A 244 -23.40 -4.20 -9.38
C GLN A 244 -24.82 -4.73 -9.15
N GLN A 245 -25.70 -4.44 -10.09
CA GLN A 245 -27.09 -4.87 -10.01
C GLN A 245 -27.29 -6.15 -10.83
N THR A 246 -27.49 -7.27 -10.13
CA THR A 246 -27.69 -8.55 -10.80
C THR A 246 -28.87 -8.45 -11.77
N ALA A 247 -29.13 -9.51 -12.53
CA ALA A 247 -30.23 -9.52 -13.49
C ALA A 247 -31.55 -9.26 -12.78
N GLN A 248 -31.75 -9.95 -11.66
CA GLN A 248 -32.97 -9.81 -10.88
C GLN A 248 -33.01 -8.52 -10.07
N ASP A 249 -31.85 -8.07 -9.56
CA ASP A 249 -31.80 -6.83 -8.78
C ASP A 249 -32.46 -5.72 -9.60
N ALA A 250 -32.09 -5.65 -10.88
CA ALA A 250 -32.64 -4.65 -11.80
C ALA A 250 -34.16 -4.62 -11.64
N LYS A 251 -34.79 -5.74 -11.99
CA LYS A 251 -36.25 -5.88 -11.89
C LYS A 251 -36.79 -5.46 -10.53
N SER A 252 -36.23 -6.04 -9.47
CA SER A 252 -36.66 -5.73 -8.12
C SER A 252 -36.36 -4.29 -7.76
N GLY A 253 -35.65 -3.58 -8.65
CA GLY A 253 -35.31 -2.19 -8.40
C GLY A 253 -34.43 -2.00 -7.18
N VAL A 254 -33.54 -2.96 -6.93
CA VAL A 254 -32.64 -2.88 -5.79
C VAL A 254 -31.21 -3.31 -6.10
N ALA A 255 -30.31 -3.09 -5.13
CA ALA A 255 -28.91 -3.46 -5.30
C ALA A 255 -28.36 -4.04 -3.99
N SER A 256 -27.06 -4.35 -4.01
CA SER A 256 -26.37 -4.88 -2.85
C SER A 256 -25.28 -3.88 -2.47
N THR A 257 -24.78 -3.96 -1.23
CA THR A 257 -23.76 -3.02 -0.79
C THR A 257 -22.76 -3.59 0.20
N TYR A 258 -21.50 -3.23 0.01
CA TYR A 258 -20.44 -3.66 0.91
C TYR A 258 -19.89 -2.40 1.58
N ASP A 259 -19.56 -2.51 2.86
CA ASP A 259 -19.04 -1.36 3.59
C ASP A 259 -17.52 -1.50 3.76
N LEU A 260 -16.78 -0.50 3.30
CA LEU A 260 -15.32 -0.54 3.43
C LEU A 260 -14.84 -0.23 4.85
N VAL A 261 -15.78 -0.08 5.77
CA VAL A 261 -15.43 0.19 7.17
C VAL A 261 -16.11 -0.82 8.08
N LYS A 262 -17.43 -0.90 7.98
CA LYS A 262 -18.17 -1.82 8.82
C LYS A 262 -18.28 -3.21 8.18
N GLN A 263 -17.96 -3.27 6.88
CA GLN A 263 -18.06 -4.49 6.07
C GLN A 263 -19.54 -4.65 5.76
N ASN A 264 -20.27 -5.01 6.81
CA ASN A 264 -21.71 -5.17 6.81
C ASN A 264 -22.36 -5.30 5.43
N PRO A 265 -22.20 -6.46 4.78
CA PRO A 265 -22.76 -6.71 3.45
C PRO A 265 -24.29 -6.71 3.54
N LEU A 266 -24.95 -6.00 2.62
CA LEU A 266 -26.41 -5.89 2.63
C LEU A 266 -27.04 -6.13 1.27
N ASN A 267 -28.34 -6.45 1.27
CA ASN A 267 -29.06 -6.69 0.03
C ASN A 267 -30.45 -6.06 -0.02
N ASN A 268 -31.05 -6.08 -1.21
CA ASN A 268 -32.37 -5.50 -1.41
C ASN A 268 -32.40 -4.08 -0.90
N ILE A 269 -31.47 -3.25 -1.38
CA ILE A 269 -31.42 -1.87 -0.96
C ILE A 269 -32.10 -1.03 -2.03
N LYS A 270 -32.74 0.07 -1.63
CA LYS A 270 -33.41 0.96 -2.56
C LYS A 270 -32.42 1.41 -3.63
N ALA A 271 -32.61 0.94 -4.85
CA ALA A 271 -31.71 1.31 -5.93
C ALA A 271 -31.90 2.79 -6.31
N SER A 272 -33.06 3.33 -5.98
CA SER A 272 -33.36 4.72 -6.32
C SER A 272 -32.97 5.72 -5.24
N GLU A 273 -33.28 5.45 -3.98
CA GLU A 273 -32.92 6.37 -2.91
C GLU A 273 -31.42 6.50 -2.70
N SER A 274 -31.00 7.70 -2.29
CA SER A 274 -29.60 8.01 -2.03
C SER A 274 -29.10 7.21 -0.81
N ASN A 275 -29.01 5.90 -0.95
CA ASN A 275 -28.60 5.03 0.16
C ASN A 275 -27.10 4.74 0.36
N ALA A 276 -26.35 4.59 -0.72
CA ALA A 276 -24.93 4.28 -0.61
C ALA A 276 -23.99 5.33 -1.19
N TYR A 277 -22.73 4.94 -1.33
CA TYR A 277 -21.67 5.80 -1.85
C TYR A 277 -21.10 5.32 -3.18
N ALA A 278 -20.58 6.28 -3.95
CA ALA A 278 -20.00 6.02 -5.26
C ALA A 278 -18.52 5.63 -5.21
N THR A 279 -18.25 4.33 -5.03
CA THR A 279 -16.88 3.84 -4.98
C THR A 279 -16.53 3.15 -6.30
N CYS A 280 -15.67 3.79 -7.09
CA CYS A 280 -15.27 3.26 -8.39
C CYS A 280 -13.93 2.55 -8.42
N VAL A 281 -13.87 1.46 -9.18
CA VAL A 281 -12.65 0.66 -9.31
C VAL A 281 -11.91 0.94 -10.62
N LYS A 282 -10.59 0.79 -10.56
CA LYS A 282 -9.68 0.99 -11.70
C LYS A 282 -9.82 2.40 -12.27
N MET B 1 -72.03 -1.04 -11.60
CA MET B 1 -71.84 -0.63 -13.01
C MET B 1 -70.37 -0.46 -13.39
N ASP B 2 -69.68 0.47 -12.73
CA ASP B 2 -68.26 0.71 -12.99
C ASP B 2 -67.49 0.74 -11.68
N GLN B 3 -68.11 0.22 -10.61
CA GLN B 3 -67.46 0.20 -9.30
C GLN B 3 -66.70 -1.10 -9.07
N ALA B 4 -67.22 -2.21 -9.60
CA ALA B 4 -66.55 -3.51 -9.46
C ALA B 4 -65.18 -3.43 -10.12
N ALA B 5 -65.07 -2.54 -11.10
CA ALA B 5 -63.83 -2.34 -11.84
C ALA B 5 -62.78 -1.80 -10.86
N ASN B 6 -63.16 -1.74 -9.60
CA ASN B 6 -62.28 -1.26 -8.55
C ASN B 6 -62.37 -2.20 -7.36
N ALA B 7 -63.59 -2.53 -6.98
CA ALA B 7 -63.82 -3.43 -5.85
C ALA B 7 -63.01 -4.70 -6.01
N ALA B 8 -63.25 -5.43 -7.10
CA ALA B 8 -62.55 -6.69 -7.36
C ALA B 8 -61.04 -6.48 -7.44
N GLU B 9 -60.66 -5.41 -8.11
CA GLU B 9 -59.26 -5.06 -8.28
C GLU B 9 -58.66 -4.69 -6.92
N SER B 10 -59.24 -3.66 -6.30
CA SER B 10 -58.79 -3.15 -5.00
C SER B 10 -58.75 -4.17 -3.85
N ALA B 11 -59.71 -5.08 -3.80
CA ALA B 11 -59.72 -6.08 -2.74
C ALA B 11 -58.57 -7.02 -2.97
N THR B 12 -58.32 -7.33 -4.24
CA THR B 12 -57.24 -8.23 -4.62
C THR B 12 -55.87 -7.61 -4.34
N LYS B 13 -55.62 -6.41 -4.86
CA LYS B 13 -54.32 -5.77 -4.64
C LYS B 13 -53.89 -5.84 -3.18
N ASP B 14 -54.67 -5.22 -2.32
CA ASP B 14 -54.41 -5.20 -0.89
C ASP B 14 -54.10 -6.56 -0.33
N GLN B 15 -55.00 -7.52 -0.54
CA GLN B 15 -54.78 -8.87 -0.04
C GLN B 15 -53.43 -9.45 -0.47
N LEU B 16 -53.06 -9.26 -1.73
CA LEU B 16 -51.79 -9.74 -2.24
C LEU B 16 -50.69 -8.91 -1.62
N THR B 17 -50.95 -7.63 -1.41
CA THR B 17 -49.98 -6.74 -0.79
C THR B 17 -49.75 -7.15 0.67
N GLN B 18 -50.81 -7.49 1.39
CA GLN B 18 -50.65 -7.88 2.78
C GLN B 18 -49.77 -9.11 2.90
N GLU B 19 -49.99 -10.12 2.05
CA GLU B 19 -49.21 -11.35 2.09
C GLU B 19 -47.76 -11.18 1.65
N ALA B 20 -47.48 -10.09 0.94
CA ALA B 20 -46.13 -9.84 0.46
C ALA B 20 -45.16 -9.51 1.60
N PHE B 21 -45.62 -8.70 2.55
CA PHE B 21 -44.78 -8.29 3.68
C PHE B 21 -44.48 -9.38 4.69
N LYS B 22 -45.27 -10.46 4.66
CA LYS B 22 -45.04 -11.57 5.57
C LYS B 22 -43.76 -12.31 5.17
N ASN B 23 -43.08 -11.75 4.16
CA ASN B 23 -41.83 -12.28 3.63
C ASN B 23 -40.88 -11.11 3.33
N PRO B 24 -39.78 -11.03 4.09
CA PRO B 24 -38.74 -9.99 3.96
C PRO B 24 -38.15 -9.89 2.57
N GLU B 25 -37.99 -11.03 1.92
CA GLU B 25 -37.44 -11.11 0.58
C GLU B 25 -37.95 -10.00 -0.34
N ASN B 26 -39.27 -9.99 -0.49
CA ASN B 26 -40.00 -9.06 -1.35
C ASN B 26 -39.81 -7.59 -0.99
N GLN B 27 -39.45 -7.31 0.25
CA GLN B 27 -39.28 -5.92 0.67
C GLN B 27 -38.01 -5.25 0.21
N LYS B 28 -37.96 -3.94 0.44
CA LYS B 28 -36.82 -3.12 0.10
C LYS B 28 -36.22 -2.66 1.42
N VAL B 29 -35.04 -2.05 1.36
CA VAL B 29 -34.38 -1.56 2.56
C VAL B 29 -33.63 -0.26 2.30
N ASN B 30 -33.51 0.55 3.35
CA ASN B 30 -32.79 1.81 3.28
C ASN B 30 -31.62 1.89 4.24
N ILE B 31 -30.84 2.95 4.13
CA ILE B 31 -29.67 3.11 4.97
C ILE B 31 -29.75 4.34 5.86
N ASP B 32 -29.78 4.16 7.18
CA ASP B 32 -29.81 5.31 8.06
C ASP B 32 -28.43 5.92 7.99
N ALA B 33 -28.31 7.19 8.38
CA ALA B 33 -27.02 7.90 8.33
C ALA B 33 -25.82 7.03 8.73
N ASN B 34 -25.94 6.32 9.85
CA ASN B 34 -24.87 5.45 10.33
C ASN B 34 -24.49 4.37 9.32
N GLY B 35 -25.21 4.31 8.20
CA GLY B 35 -24.92 3.31 7.19
C GLY B 35 -25.52 1.96 7.51
N ASN B 36 -26.50 1.95 8.41
CA ASN B 36 -27.14 0.70 8.78
C ASN B 36 -28.49 0.53 8.06
N ALA B 37 -28.87 -0.73 7.87
CA ALA B 37 -30.11 -1.04 7.19
C ALA B 37 -31.31 -0.66 8.02
N ILE B 38 -32.42 -0.40 7.33
CA ILE B 38 -33.69 -0.03 7.95
C ILE B 38 -34.85 -0.47 7.05
N PRO B 39 -36.01 -0.76 7.66
CA PRO B 39 -37.17 -1.19 6.88
C PRO B 39 -37.88 0.00 6.23
N SER B 40 -38.28 -0.14 4.98
CA SER B 40 -38.99 0.92 4.28
C SER B 40 -40.19 0.28 3.58
N GLY B 41 -41.35 0.38 4.24
CA GLY B 41 -42.60 -0.18 3.74
C GLY B 41 -42.71 -0.64 2.29
N GLU B 42 -42.07 0.10 1.39
CA GLU B 42 -42.09 -0.22 -0.03
C GLU B 42 -41.64 -1.64 -0.36
N LEU B 43 -42.32 -2.25 -1.34
CA LEU B 43 -41.99 -3.61 -1.79
C LEU B 43 -41.17 -3.51 -3.07
N LYS B 44 -40.52 -4.60 -3.46
CA LYS B 44 -39.73 -4.64 -4.70
C LYS B 44 -40.63 -4.40 -5.91
N ASP B 45 -40.13 -3.63 -6.87
CA ASP B 45 -40.89 -3.29 -8.08
C ASP B 45 -41.49 -4.49 -8.82
N ASP B 46 -40.69 -5.52 -9.09
CA ASP B 46 -41.23 -6.67 -9.80
C ASP B 46 -42.33 -7.35 -8.98
N ILE B 47 -42.51 -6.90 -7.74
CA ILE B 47 -43.55 -7.45 -6.87
C ILE B 47 -44.77 -6.54 -6.92
N VAL B 48 -44.54 -5.23 -6.87
CA VAL B 48 -45.61 -4.26 -6.95
C VAL B 48 -46.24 -4.45 -8.32
N GLU B 49 -45.37 -4.56 -9.31
CA GLU B 49 -45.78 -4.79 -10.69
C GLU B 49 -46.67 -6.03 -10.74
N GLN B 50 -46.10 -7.15 -10.30
CA GLN B 50 -46.77 -8.45 -10.29
C GLN B 50 -48.10 -8.48 -9.52
N ILE B 51 -48.31 -7.54 -8.60
CA ILE B 51 -49.57 -7.50 -7.85
C ILE B 51 -50.53 -6.60 -8.62
N ALA B 52 -50.08 -5.39 -8.96
CA ALA B 52 -50.88 -4.43 -9.70
C ALA B 52 -51.19 -4.89 -11.12
N GLN B 53 -51.05 -6.20 -11.35
CA GLN B 53 -51.33 -6.81 -12.64
C GLN B 53 -52.52 -7.72 -12.43
N GLN B 54 -52.29 -8.77 -11.64
CA GLN B 54 -53.31 -9.75 -11.28
C GLN B 54 -54.49 -8.99 -10.67
N ALA B 55 -54.28 -7.70 -10.41
CA ALA B 55 -55.30 -6.82 -9.83
C ALA B 55 -56.24 -6.24 -10.88
N LYS B 56 -55.74 -5.30 -11.68
CA LYS B 56 -56.56 -4.69 -12.71
C LYS B 56 -57.10 -5.79 -13.64
N GLU B 57 -56.56 -7.00 -13.49
CA GLU B 57 -57.03 -8.10 -14.31
C GLU B 57 -58.22 -8.73 -13.58
N ALA B 58 -58.22 -8.61 -12.26
CA ALA B 58 -59.31 -9.14 -11.44
C ALA B 58 -60.45 -8.14 -11.45
N GLY B 59 -60.09 -6.87 -11.55
CA GLY B 59 -61.08 -5.81 -11.59
C GLY B 59 -61.67 -5.71 -12.98
N GLU B 60 -61.06 -6.44 -13.91
CA GLU B 60 -61.53 -6.48 -15.28
C GLU B 60 -62.67 -7.49 -15.38
N VAL B 61 -62.48 -8.65 -14.78
CA VAL B 61 -63.51 -9.66 -14.77
C VAL B 61 -64.68 -9.09 -13.97
N ALA B 62 -64.49 -7.88 -13.43
CA ALA B 62 -65.52 -7.20 -12.67
C ALA B 62 -66.50 -6.55 -13.63
N ARG B 63 -66.05 -5.51 -14.32
CA ARG B 63 -66.89 -4.79 -15.28
C ARG B 63 -67.49 -5.73 -16.31
N GLN B 64 -66.67 -6.61 -16.89
CA GLN B 64 -67.15 -7.53 -17.90
C GLN B 64 -68.39 -8.32 -17.45
N GLN B 65 -68.56 -8.49 -16.14
CA GLN B 65 -69.74 -9.22 -15.62
C GLN B 65 -70.85 -8.27 -15.14
N ALA B 66 -70.67 -6.98 -15.40
CA ALA B 66 -71.64 -5.97 -14.99
C ALA B 66 -72.22 -5.17 -16.16
#